data_8D9O
#
_entry.id   8D9O
#
_cell.length_a   89.692
_cell.length_b   23.693
_cell.length_c   72.756
_cell.angle_alpha   90.000
_cell.angle_beta   99.930
_cell.angle_gamma   90.000
#
_symmetry.space_group_name_H-M   'C 1 2 1'
#
loop_
_entity.id
_entity.type
_entity.pdbx_description
1 polymer 'Reaction Center Maquette'
2 non-polymer 'CADMIUM ION'
3 water water
#
_entity_poly.entity_id   1
_entity_poly.type   'polypeptide(L)'
_entity_poly.pdbx_seq_one_letter_code
;GSPELRQEHQQLAQEFQQLLQEIQQLGRELLKGELQGIKQLREASEKARNPEKKSVLQKILEDEEKHIELLETLQQTGQE
AQQLLQELQQTGQELWQLGGSGGPELRQKHQQLAQKIQQLLQKHQQLGAKILEDEEKHIELLETILGGSGGDELRELLKG
ELQGIKQYRELQQLGQKAQQLVQKLQQTGQKLWQLG
;
_entity_poly.pdbx_strand_id   A
#
# COMPACT_ATOMS: atom_id res chain seq x y z
N GLY A 1 27.92 17.97 6.82
CA GLY A 1 27.38 16.72 7.39
C GLY A 1 27.43 16.71 8.92
N SER A 2 26.63 17.55 9.57
CA SER A 2 26.67 17.69 11.05
C SER A 2 26.24 16.39 11.71
N PRO A 3 26.66 16.16 12.95
CA PRO A 3 26.11 15.05 13.72
C PRO A 3 24.58 15.13 13.86
N GLU A 4 24.03 16.33 14.05
CA GLU A 4 22.57 16.52 14.19
C GLU A 4 21.87 16.13 12.89
N LEU A 5 22.47 16.44 11.74
CA LEU A 5 21.90 16.07 10.43
C LEU A 5 21.96 14.54 10.26
N ARG A 6 23.07 13.92 10.63
CA ARG A 6 23.19 12.44 10.65
C ARG A 6 22.06 11.83 11.50
N GLN A 7 21.83 12.35 12.72
CA GLN A 7 20.81 11.77 13.65
C GLN A 7 19.41 11.91 13.06
N GLU A 8 19.09 13.09 12.54
CA GLU A 8 17.77 13.37 11.92
C GLU A 8 17.55 12.40 10.76
N HIS A 9 18.53 12.28 9.88
CA HIS A 9 18.41 11.45 8.67
C HIS A 9 18.22 9.97 9.04
N GLN A 10 19.13 9.46 9.85
CA GLN A 10 19.09 8.03 10.25
C GLN A 10 17.83 7.75 11.05
N GLN A 11 17.32 8.72 11.81
CA GLN A 11 16.07 8.52 12.58
C GLN A 11 14.89 8.45 11.60
N LEU A 12 14.89 9.33 10.60
CA LEU A 12 13.88 9.31 9.51
C LEU A 12 13.87 7.93 8.83
N ALA A 13 15.04 7.37 8.54
CA ALA A 13 15.16 6.02 7.94
C ALA A 13 14.42 4.98 8.81
N GLN A 14 14.54 5.08 10.14
CA GLN A 14 13.98 4.08 11.11
C GLN A 14 12.47 4.33 11.23
N GLU A 15 12.07 5.59 11.27
CA GLU A 15 10.63 5.94 11.25
C GLU A 15 10.01 5.37 9.96
N PHE A 16 10.68 5.59 8.84
CA PHE A 16 10.19 5.09 7.53
C PHE A 16 10.14 3.55 7.54
N GLN A 17 11.16 2.85 8.03
CA GLN A 17 11.17 1.37 8.16
C GLN A 17 9.90 0.92 8.90
N GLN A 18 9.64 1.49 10.07
CA GLN A 18 8.49 1.11 10.92
C GLN A 18 7.18 1.36 10.18
N LEU A 19 7.04 2.52 9.52
CA LEU A 19 5.83 2.93 8.77
C LEU A 19 5.61 1.90 7.65
N LEU A 20 6.66 1.59 6.89
CA LEU A 20 6.53 0.62 5.77
C LEU A 20 6.08 -0.75 6.32
N GLN A 21 6.60 -1.20 7.48
CA GLN A 21 6.16 -2.45 8.15
C GLN A 21 4.65 -2.39 8.47
N GLU A 22 4.18 -1.27 9.01
CA GLU A 22 2.75 -1.06 9.36
C GLU A 22 1.91 -1.01 8.07
N ILE A 23 2.41 -0.38 7.01
CA ILE A 23 1.74 -0.39 5.67
C ILE A 23 1.65 -1.83 5.12
N GLN A 24 2.73 -2.59 5.23
CA GLN A 24 2.78 -3.96 4.69
C GLN A 24 1.80 -4.84 5.49
N GLN A 25 1.75 -4.71 6.82
CA GLN A 25 0.80 -5.48 7.65
C GLN A 25 -0.63 -5.13 7.19
N LEU A 26 -0.94 -3.84 7.03
CA LEU A 26 -2.29 -3.40 6.63
C LEU A 26 -2.62 -4.03 5.27
N GLY A 27 -1.69 -3.98 4.31
CA GLY A 27 -1.82 -4.64 3.01
C GLY A 27 -2.17 -6.11 3.15
N ARG A 28 -1.50 -6.83 4.03
CA ARG A 28 -1.84 -8.28 4.24
C ARG A 28 -3.29 -8.43 4.75
N GLU A 29 -3.72 -7.56 5.68
CA GLU A 29 -5.10 -7.55 6.23
C GLU A 29 -6.08 -7.27 5.08
N LEU A 30 -5.76 -6.33 4.18
CA LEU A 30 -6.64 -5.99 3.05
C LEU A 30 -6.74 -7.20 2.10
N LEU A 31 -5.66 -7.93 1.91
CA LEU A 31 -5.72 -9.06 0.96
C LEU A 31 -6.62 -10.15 1.55
N LYS A 32 -6.42 -10.48 2.83
CA LYS A 32 -7.30 -11.42 3.57
C LYS A 32 -8.76 -10.98 3.39
N GLY A 33 -9.06 -9.70 3.58
CA GLY A 33 -10.42 -9.16 3.40
C GLY A 33 -10.93 -9.28 1.99
N GLU A 34 -10.08 -9.04 0.98
CA GLU A 34 -10.46 -9.24 -0.44
C GLU A 34 -10.79 -10.71 -0.70
N LEU A 35 -9.94 -11.63 -0.24
CA LEU A 35 -10.18 -13.08 -0.43
C LEU A 35 -11.47 -13.54 0.25
N GLN A 36 -11.72 -13.11 1.48
CA GLN A 36 -13.00 -13.42 2.19
C GLN A 36 -14.18 -12.82 1.38
N GLY A 37 -14.03 -11.56 0.96
CA GLY A 37 -15.10 -10.84 0.25
C GLY A 37 -15.53 -11.60 -0.97
N ILE A 38 -14.57 -12.12 -1.72
CA ILE A 38 -14.81 -12.66 -3.07
C ILE A 38 -15.48 -14.03 -2.91
N LYS A 39 -15.20 -14.74 -1.82
CA LYS A 39 -15.90 -15.99 -1.44
C LYS A 39 -17.39 -15.69 -1.28
N GLN A 40 -17.67 -14.74 -0.37
CA GLN A 40 -19.04 -14.31 0.04
C GLN A 40 -19.79 -13.68 -1.13
N LEU A 41 -19.07 -13.02 -2.03
CA LEU A 41 -19.64 -12.43 -3.26
C LEU A 41 -19.99 -13.55 -4.27
N ARG A 42 -19.09 -14.51 -4.52
CA ARG A 42 -19.31 -15.62 -5.49
C ARG A 42 -20.49 -16.47 -5.02
N GLU A 43 -20.62 -16.70 -3.72
CA GLU A 43 -21.78 -17.41 -3.10
C GLU A 43 -23.07 -16.65 -3.39
N ALA A 44 -23.20 -15.41 -2.88
CA ALA A 44 -24.44 -14.58 -2.95
C ALA A 44 -24.87 -14.38 -4.41
N SER A 45 -23.92 -14.31 -5.34
CA SER A 45 -24.19 -14.20 -6.80
C SER A 45 -24.96 -15.44 -7.24
N GLU A 46 -24.44 -16.63 -6.94
CA GLU A 46 -25.06 -17.94 -7.27
C GLU A 46 -26.39 -18.09 -6.52
N LYS A 47 -26.58 -17.33 -5.43
CA LYS A 47 -27.80 -17.33 -4.57
C LYS A 47 -28.74 -16.17 -4.93
N ALA A 48 -28.46 -15.43 -6.00
CA ALA A 48 -29.26 -14.25 -6.41
C ALA A 48 -30.31 -14.69 -7.44
N ARG A 49 -31.56 -14.20 -7.30
CA ARG A 49 -32.67 -14.55 -8.21
C ARG A 49 -32.95 -13.37 -9.15
N ASN A 50 -33.08 -12.16 -8.61
CA ASN A 50 -33.35 -10.93 -9.40
C ASN A 50 -32.16 -10.66 -10.30
N PRO A 51 -32.33 -10.54 -11.65
CA PRO A 51 -31.22 -10.11 -12.52
C PRO A 51 -30.62 -8.74 -12.21
N GLU A 52 -31.43 -7.78 -11.73
CA GLU A 52 -30.94 -6.45 -11.29
C GLU A 52 -29.87 -6.64 -10.21
N LYS A 53 -30.03 -7.66 -9.36
CA LYS A 53 -29.10 -7.98 -8.25
C LYS A 53 -27.95 -8.86 -8.75
N LYS A 54 -28.23 -9.93 -9.51
CA LYS A 54 -27.21 -10.82 -10.12
C LYS A 54 -26.26 -9.96 -10.99
N SER A 55 -26.78 -8.97 -11.70
CA SER A 55 -25.99 -8.09 -12.59
C SER A 55 -24.98 -7.31 -11.72
N VAL A 56 -25.46 -6.69 -10.64
CA VAL A 56 -24.63 -5.84 -9.75
C VAL A 56 -23.54 -6.69 -9.09
N LEU A 57 -23.87 -7.88 -8.58
CA LEU A 57 -22.90 -8.77 -7.87
C LEU A 57 -21.85 -9.26 -8.84
N GLN A 58 -22.21 -9.40 -10.12
CA GLN A 58 -21.30 -9.95 -11.15
C GLN A 58 -20.29 -8.88 -11.56
N LYS A 59 -20.74 -7.62 -11.71
CA LYS A 59 -19.85 -6.47 -12.01
C LYS A 59 -18.85 -6.33 -10.87
N ILE A 60 -19.33 -6.40 -9.63
CA ILE A 60 -18.46 -6.28 -8.42
C ILE A 60 -17.48 -7.46 -8.47
N LEU A 61 -17.94 -8.68 -8.70
CA LEU A 61 -17.05 -9.86 -8.75
C LEU A 61 -15.91 -9.63 -9.75
N GLU A 62 -16.19 -9.12 -10.95
CA GLU A 62 -15.16 -8.89 -12.00
C GLU A 62 -14.11 -7.91 -11.47
N ASP A 63 -14.57 -6.87 -10.76
CA ASP A 63 -13.64 -5.88 -10.15
C ASP A 63 -12.83 -6.57 -9.06
N GLU A 64 -13.45 -7.37 -8.19
CA GLU A 64 -12.71 -8.06 -7.09
C GLU A 64 -11.66 -9.00 -7.66
N GLU A 65 -11.93 -9.70 -8.76
CA GLU A 65 -10.90 -10.54 -9.45
C GLU A 65 -9.70 -9.66 -9.85
N LYS A 66 -9.93 -8.46 -10.39
CA LYS A 66 -8.85 -7.52 -10.80
C LYS A 66 -8.14 -7.02 -9.53
N HIS A 67 -8.89 -6.77 -8.47
CA HIS A 67 -8.34 -6.25 -7.18
C HIS A 67 -7.31 -7.22 -6.61
N ILE A 68 -7.53 -8.52 -6.72
CA ILE A 68 -6.53 -9.52 -6.22
C ILE A 68 -5.22 -9.30 -7.00
N GLU A 69 -5.26 -9.11 -8.32
CA GLU A 69 -4.03 -8.90 -9.14
C GLU A 69 -3.39 -7.56 -8.75
N LEU A 70 -4.19 -6.51 -8.62
CA LEU A 70 -3.68 -5.16 -8.26
C LEU A 70 -3.06 -5.22 -6.85
N LEU A 71 -3.66 -5.95 -5.93
CA LEU A 71 -3.13 -6.04 -4.55
C LEU A 71 -1.84 -6.87 -4.50
N GLU A 72 -1.75 -7.93 -5.29
CA GLU A 72 -0.49 -8.68 -5.45
C GLU A 72 0.60 -7.66 -5.84
N THR A 73 0.33 -6.85 -6.85
CA THR A 73 1.30 -5.86 -7.37
C THR A 73 1.61 -4.81 -6.30
N LEU A 74 0.60 -4.26 -5.64
CA LEU A 74 0.74 -3.30 -4.52
C LEU A 74 1.65 -3.87 -3.42
N GLN A 75 1.36 -5.07 -2.94
CA GLN A 75 2.12 -5.69 -1.85
C GLN A 75 3.55 -5.92 -2.33
N GLN A 76 3.71 -6.40 -3.56
CA GLN A 76 5.07 -6.66 -4.10
C GLN A 76 5.85 -5.34 -4.14
N THR A 77 5.22 -4.24 -4.58
CA THR A 77 5.86 -2.90 -4.62
C THR A 77 6.33 -2.52 -3.21
N GLY A 78 5.50 -2.77 -2.19
CA GLY A 78 5.85 -2.57 -0.78
C GLY A 78 7.03 -3.41 -0.34
N GLN A 79 7.01 -4.69 -0.67
CA GLN A 79 8.13 -5.62 -0.34
C GLN A 79 9.41 -5.10 -1.00
N GLU A 80 9.31 -4.56 -2.23
CA GLU A 80 10.51 -4.11 -3.00
C GLU A 80 11.05 -2.86 -2.31
N ALA A 81 10.14 -1.97 -1.89
CA ALA A 81 10.49 -0.78 -1.09
C ALA A 81 11.20 -1.22 0.19
N GLN A 82 10.70 -2.23 0.88
CA GLN A 82 11.34 -2.70 2.14
C GLN A 82 12.75 -3.22 1.85
N GLN A 83 12.95 -3.94 0.77
CA GLN A 83 14.28 -4.54 0.42
C GLN A 83 15.26 -3.39 0.15
N LEU A 84 14.86 -2.45 -0.69
CA LEU A 84 15.73 -1.29 -1.03
C LEU A 84 16.02 -0.46 0.22
N LEU A 85 15.08 -0.31 1.15
CA LEU A 85 15.32 0.46 2.39
C LEU A 85 16.39 -0.29 3.20
N GLN A 86 16.31 -1.62 3.29
CA GLN A 86 17.37 -2.39 4.00
C GLN A 86 18.70 -2.06 3.33
N GLU A 87 18.74 -2.00 2.01
CA GLU A 87 20.00 -1.77 1.27
C GLU A 87 20.46 -0.31 1.45
N LEU A 88 19.52 0.62 1.55
CA LEU A 88 19.83 2.04 1.83
C LEU A 88 20.48 2.19 3.21
N GLN A 89 19.86 1.59 4.25
CA GLN A 89 20.38 1.72 5.64
C GLN A 89 21.79 1.08 5.73
N GLN A 90 22.00 -0.01 5.02
CA GLN A 90 23.30 -0.69 4.90
C GLN A 90 24.32 0.28 4.28
N THR A 91 23.96 0.91 3.16
CA THR A 91 24.84 1.85 2.44
C THR A 91 25.21 2.98 3.40
N GLY A 92 24.24 3.52 4.10
CA GLY A 92 24.55 4.62 5.04
C GLY A 92 25.46 4.13 6.17
N GLN A 93 25.25 2.91 6.69
CA GLN A 93 26.12 2.38 7.78
C GLN A 93 27.56 2.36 7.25
N GLU A 94 27.76 1.89 6.01
CA GLU A 94 29.10 1.83 5.38
C GLU A 94 29.69 3.24 5.22
N LEU A 95 28.88 4.20 4.76
CA LEU A 95 29.39 5.56 4.48
C LEU A 95 29.90 6.16 5.80
N TRP A 96 29.20 5.89 6.88
CA TRP A 96 29.56 6.53 8.18
C TRP A 96 30.86 5.91 8.71
N GLN A 97 31.07 4.62 8.49
CA GLN A 97 32.26 3.92 9.07
C GLN A 97 33.47 4.01 8.13
N LEU A 98 33.30 4.28 6.84
CA LEU A 98 34.44 4.25 5.88
C LEU A 98 35.06 5.64 5.72
N GLY A 99 36.20 5.65 5.02
CA GLY A 99 36.91 6.84 4.48
C GLY A 99 37.76 6.45 3.27
N GLY A 100 37.91 7.36 2.30
CA GLY A 100 38.74 7.12 1.10
C GLY A 100 38.09 6.14 0.14
N SER A 101 38.66 4.93 -0.03
CA SER A 101 38.00 3.79 -0.72
C SER A 101 36.69 3.49 0.00
N GLY A 102 35.55 3.74 -0.67
CA GLY A 102 34.23 3.88 -0.02
C GLY A 102 33.82 5.34 0.03
N GLY A 103 33.72 5.96 -1.15
CA GLY A 103 33.38 7.39 -1.32
C GLY A 103 32.28 7.62 -2.35
N PRO A 104 32.58 8.10 -3.58
CA PRO A 104 31.56 8.51 -4.54
C PRO A 104 30.58 7.41 -4.96
N GLU A 105 31.08 6.23 -5.34
CA GLU A 105 30.23 5.06 -5.72
C GLU A 105 29.16 4.85 -4.63
N LEU A 106 29.57 4.80 -3.35
CA LEU A 106 28.63 4.47 -2.25
C LEU A 106 27.72 5.67 -2.01
N ARG A 107 28.25 6.88 -2.06
CA ARG A 107 27.40 8.10 -1.86
C ARG A 107 26.32 8.12 -2.96
N GLN A 108 26.69 7.78 -4.20
CA GLN A 108 25.71 7.76 -5.32
C GLN A 108 24.71 6.65 -5.06
N LYS A 109 25.19 5.45 -4.73
CA LYS A 109 24.31 4.30 -4.45
C LYS A 109 23.24 4.69 -3.43
N HIS A 110 23.60 5.45 -2.40
CA HIS A 110 22.65 5.85 -1.34
C HIS A 110 21.51 6.68 -1.97
N GLN A 111 21.89 7.68 -2.73
CA GLN A 111 20.88 8.60 -3.32
C GLN A 111 20.06 7.88 -4.40
N GLN A 112 20.68 6.99 -5.16
CA GLN A 112 19.97 6.15 -6.15
C GLN A 112 18.89 5.30 -5.45
N LEU A 113 19.25 4.66 -4.35
CA LEU A 113 18.30 3.78 -3.63
C LEU A 113 17.13 4.62 -3.12
N ALA A 114 17.40 5.81 -2.58
CA ALA A 114 16.35 6.70 -2.05
C ALA A 114 15.39 7.04 -3.19
N GLN A 115 15.91 7.28 -4.40
CA GLN A 115 15.07 7.75 -5.54
C GLN A 115 14.18 6.59 -6.00
N LYS A 116 14.72 5.36 -6.01
CA LYS A 116 13.97 4.17 -6.45
C LYS A 116 12.84 3.93 -5.45
N ILE A 117 13.07 4.11 -4.15
CA ILE A 117 11.99 3.89 -3.15
C ILE A 117 10.90 4.92 -3.41
N GLN A 118 11.29 6.16 -3.72
CA GLN A 118 10.32 7.26 -3.99
C GLN A 118 9.44 6.86 -5.19
N GLN A 119 10.02 6.30 -6.25
CA GLN A 119 9.25 5.80 -7.41
C GLN A 119 8.33 4.64 -7.01
N LEU A 120 8.82 3.70 -6.19
CA LEU A 120 8.01 2.53 -5.79
C LEU A 120 6.82 3.00 -4.94
N LEU A 121 7.02 3.98 -4.10
CA LEU A 121 5.93 4.48 -3.24
C LEU A 121 4.87 5.16 -4.09
N GLN A 122 5.25 5.80 -5.20
CA GLN A 122 4.26 6.41 -6.12
C GLN A 122 3.43 5.31 -6.79
N LYS A 123 4.07 4.27 -7.29
CA LYS A 123 3.33 3.12 -7.86
C LYS A 123 2.39 2.52 -6.81
N HIS A 124 2.88 2.28 -5.60
CA HIS A 124 2.14 1.67 -4.48
C HIS A 124 0.89 2.53 -4.18
N GLN A 125 1.05 3.85 -4.15
CA GLN A 125 -0.01 4.83 -3.83
C GLN A 125 -1.07 4.79 -4.93
N GLN A 126 -0.65 4.75 -6.20
CA GLN A 126 -1.57 4.77 -7.36
C GLN A 126 -2.43 3.51 -7.42
N LEU A 127 -1.83 2.34 -7.20
CA LEU A 127 -2.55 1.05 -7.13
C LEU A 127 -3.61 1.13 -6.03
N GLY A 128 -3.24 1.60 -4.83
CA GLY A 128 -4.21 1.70 -3.73
C GLY A 128 -5.31 2.68 -4.06
N ALA A 129 -4.98 3.77 -4.71
CA ALA A 129 -5.96 4.82 -5.06
C ALA A 129 -7.00 4.26 -6.03
N LYS A 130 -6.58 3.47 -7.03
CA LYS A 130 -7.51 2.87 -8.03
C LYS A 130 -8.46 1.88 -7.35
N ILE A 131 -7.92 0.99 -6.50
CA ILE A 131 -8.78 0.01 -5.76
C ILE A 131 -9.81 0.80 -4.94
N LEU A 132 -9.39 1.80 -4.17
CA LEU A 132 -10.31 2.61 -3.33
C LEU A 132 -11.48 3.15 -4.17
N GLU A 133 -11.23 3.83 -5.30
CA GLU A 133 -12.35 4.37 -6.12
C GLU A 133 -13.33 3.24 -6.45
N ASP A 134 -12.85 2.04 -6.75
CA ASP A 134 -13.75 0.89 -7.01
C ASP A 134 -14.56 0.56 -5.78
N GLU A 135 -13.96 0.54 -4.59
CA GLU A 135 -14.67 0.10 -3.36
C GLU A 135 -15.78 1.12 -3.05
N GLU A 136 -15.53 2.41 -3.27
CA GLU A 136 -16.58 3.45 -3.10
C GLU A 136 -17.79 3.13 -3.99
N LYS A 137 -17.54 2.83 -5.26
CA LYS A 137 -18.58 2.40 -6.23
C LYS A 137 -19.27 1.14 -5.72
N HIS A 138 -18.53 0.16 -5.19
CA HIS A 138 -19.15 -1.12 -4.73
C HIS A 138 -20.14 -0.84 -3.58
N ILE A 139 -19.80 0.03 -2.65
CA ILE A 139 -20.70 0.36 -1.51
C ILE A 139 -21.98 0.97 -2.06
N GLU A 140 -21.86 1.88 -3.03
CA GLU A 140 -23.04 2.55 -3.64
C GLU A 140 -23.91 1.48 -4.33
N LEU A 141 -23.32 0.59 -5.13
CA LEU A 141 -24.04 -0.49 -5.87
C LEU A 141 -24.69 -1.47 -4.90
N LEU A 142 -24.00 -1.86 -3.83
CA LEU A 142 -24.55 -2.82 -2.84
C LEU A 142 -25.71 -2.16 -2.10
N GLU A 143 -25.58 -0.88 -1.75
CA GLU A 143 -26.62 -0.07 -1.08
C GLU A 143 -27.91 -0.07 -1.91
N THR A 144 -27.81 -0.08 -3.25
CA THR A 144 -28.99 0.02 -4.15
C THR A 144 -29.80 -1.27 -4.15
N ILE A 145 -29.17 -2.42 -3.90
CA ILE A 145 -29.85 -3.74 -3.99
C ILE A 145 -30.08 -4.30 -2.59
N LEU A 146 -29.92 -3.48 -1.54
CA LEU A 146 -30.05 -3.98 -0.15
C LEU A 146 -31.52 -4.33 0.11
N GLY A 147 -31.77 -5.33 0.95
CA GLY A 147 -33.14 -5.71 1.34
C GLY A 147 -33.82 -6.52 0.25
N GLY A 148 -34.06 -7.80 0.52
CA GLY A 148 -34.82 -8.70 -0.36
C GLY A 148 -34.43 -10.14 -0.11
N SER A 149 -34.59 -11.00 -1.12
CA SER A 149 -34.07 -12.38 -1.10
C SER A 149 -32.54 -12.31 -1.18
N GLY A 150 -31.85 -12.81 -0.16
CA GLY A 150 -30.39 -12.69 -0.06
C GLY A 150 -29.97 -11.45 0.69
N GLY A 151 -30.91 -10.74 1.32
CA GLY A 151 -30.62 -9.53 2.11
C GLY A 151 -29.66 -9.84 3.25
N ASP A 152 -29.67 -11.08 3.77
CA ASP A 152 -28.72 -11.49 4.86
C ASP A 152 -27.29 -11.49 4.32
N GLU A 153 -27.04 -12.19 3.21
CA GLU A 153 -25.69 -12.31 2.60
C GLU A 153 -25.25 -10.96 2.04
N LEU A 154 -26.18 -10.19 1.44
CA LEU A 154 -25.89 -8.84 0.92
C LEU A 154 -25.48 -7.92 2.06
N ARG A 155 -26.15 -8.03 3.22
CA ARG A 155 -25.83 -7.28 4.45
C ARG A 155 -24.40 -7.56 4.87
N GLU A 156 -24.03 -8.84 4.93
CA GLU A 156 -22.71 -9.32 5.38
C GLU A 156 -21.66 -8.86 4.36
N LEU A 157 -22.01 -8.75 3.07
CA LEU A 157 -21.14 -8.21 1.99
C LEU A 157 -20.91 -6.72 2.23
N LEU A 158 -21.98 -5.93 2.28
CA LEU A 158 -21.90 -4.46 2.47
C LEU A 158 -21.05 -4.17 3.72
N LYS A 159 -21.24 -4.94 4.80
CA LYS A 159 -20.48 -4.75 6.07
C LYS A 159 -18.97 -5.00 5.86
N GLY A 160 -18.58 -6.07 5.15
CA GLY A 160 -17.16 -6.32 4.80
C GLY A 160 -16.59 -5.23 3.90
N GLU A 161 -17.39 -4.70 2.97
CA GLU A 161 -16.99 -3.57 2.07
C GLU A 161 -16.83 -2.29 2.87
N LEU A 162 -17.65 -2.06 3.91
CA LEU A 162 -17.51 -0.84 4.77
C LEU A 162 -16.28 -0.95 5.68
N GLN A 163 -15.99 -2.12 6.26
CA GLN A 163 -14.76 -2.28 7.07
C GLN A 163 -13.56 -2.18 6.13
N GLY A 164 -13.66 -2.78 4.93
CA GLY A 164 -12.57 -2.76 3.95
C GLY A 164 -12.20 -1.35 3.52
N ILE A 165 -13.19 -0.50 3.21
CA ILE A 165 -12.89 0.85 2.68
C ILE A 165 -12.16 1.68 3.74
N LYS A 166 -12.49 1.53 5.03
CA LYS A 166 -11.77 2.23 6.12
C LYS A 166 -10.29 1.83 6.06
N GLN A 167 -10.01 0.57 5.81
CA GLN A 167 -8.62 0.02 5.75
C GLN A 167 -7.93 0.58 4.49
N TYR A 168 -8.60 0.65 3.34
CA TYR A 168 -8.00 1.26 2.12
C TYR A 168 -7.73 2.76 2.30
N ARG A 169 -8.65 3.50 2.92
CA ARG A 169 -8.43 4.93 3.24
C ARG A 169 -7.21 5.06 4.17
N GLU A 170 -7.09 4.19 5.16
CA GLU A 170 -5.95 4.20 6.10
C GLU A 170 -4.64 3.93 5.34
N LEU A 171 -4.65 2.95 4.45
CA LEU A 171 -3.45 2.61 3.63
C LEU A 171 -3.01 3.85 2.83
N GLN A 172 -3.95 4.62 2.27
CA GLN A 172 -3.64 5.79 1.40
C GLN A 172 -3.10 6.94 2.26
N GLN A 173 -3.66 7.15 3.46
CA GLN A 173 -3.13 8.15 4.42
C GLN A 173 -1.70 7.77 4.84
N LEU A 174 -1.48 6.52 5.24
CA LEU A 174 -0.12 6.09 5.65
C LEU A 174 0.83 6.25 4.46
N GLY A 175 0.37 5.98 3.25
CA GLY A 175 1.22 6.13 2.07
C GLY A 175 1.59 7.58 1.86
N GLN A 176 0.66 8.52 2.12
CA GLN A 176 0.94 9.97 2.01
C GLN A 176 2.05 10.33 2.97
N LYS A 177 1.94 9.84 4.21
CA LYS A 177 2.99 10.02 5.23
C LYS A 177 4.32 9.44 4.72
N ALA A 178 4.32 8.23 4.14
CA ALA A 178 5.56 7.54 3.72
C ALA A 178 6.23 8.38 2.62
N GLN A 179 5.45 8.89 1.67
CA GLN A 179 5.97 9.72 0.55
C GLN A 179 6.67 10.96 1.13
N GLN A 180 6.03 11.62 2.09
CA GLN A 180 6.61 12.84 2.74
C GLN A 180 7.91 12.46 3.45
N LEU A 181 7.95 11.30 4.12
CA LEU A 181 9.16 10.86 4.85
C LEU A 181 10.27 10.55 3.84
N VAL A 182 9.96 9.88 2.74
CA VAL A 182 11.06 9.48 1.82
C VAL A 182 11.55 10.71 1.07
N GLN A 183 10.70 11.70 0.80
CA GLN A 183 11.16 12.99 0.22
C GLN A 183 12.20 13.60 1.18
N LYS A 184 11.93 13.60 2.47
CA LYS A 184 12.81 14.23 3.49
C LYS A 184 14.07 13.36 3.70
N LEU A 185 13.92 12.05 3.67
CA LEU A 185 15.06 11.12 3.69
C LEU A 185 15.98 11.44 2.51
N GLN A 186 15.41 11.65 1.32
CA GLN A 186 16.24 11.91 0.12
C GLN A 186 16.97 13.25 0.30
N GLN A 187 16.28 14.28 0.80
CA GLN A 187 16.85 15.66 0.81
C GLN A 187 17.92 15.70 1.91
N THR A 188 17.67 15.13 3.08
CA THR A 188 18.70 15.07 4.13
C THR A 188 19.90 14.21 3.69
N GLY A 189 19.64 13.11 2.97
CA GLY A 189 20.72 12.28 2.45
C GLY A 189 21.59 13.05 1.47
N GLN A 190 20.98 13.92 0.67
CA GLN A 190 21.70 14.77 -0.33
C GLN A 190 22.63 15.71 0.45
N LYS A 191 22.13 16.34 1.51
CA LYS A 191 22.90 17.27 2.38
C LYS A 191 24.06 16.52 3.06
N LEU A 192 23.85 15.27 3.45
CA LEU A 192 24.91 14.51 4.12
C LEU A 192 25.97 14.01 3.14
N TRP A 193 25.58 13.50 1.98
CA TRP A 193 26.47 12.67 1.14
C TRP A 193 26.74 13.36 -0.19
N GLN A 194 26.80 14.69 -0.15
CA GLN A 194 27.03 15.59 -1.31
C GLN A 194 28.54 15.73 -1.58
#